data_8JV4
#
_entry.id   8JV4
#
_cell.length_a   70.160
_cell.length_b   78.383
_cell.length_c   79.453
_cell.angle_alpha   90.00
_cell.angle_beta   90.00
_cell.angle_gamma   90.00
#
_symmetry.space_group_name_H-M   'P 21 21 21'
#
loop_
_entity.id
_entity.type
_entity.pdbx_description
1 polymer 'Spermidine/putrescine-binding periplasmic protein'
2 non-polymer '3-(dimethyl-lambda~4~-sulfanyl)propanoic acid'
3 non-polymer '2-(N-MORPHOLINO)-ETHANESULFONIC ACID'
4 non-polymer 'TETRAETHYLENE GLYCOL'
5 non-polymer GLYCEROL
6 water water
#
_entity_poly.entity_id   1
_entity_poly.type   'polypeptide(L)'
_entity_poly.pdbx_seq_one_letter_code
;MGAVTVVSWGGAYTESQKLGYGDPTAAKLGIPVNWVDYTGGLSEIKAQKEAGAITWDIMDVYAKDTIIGCDEGIFHEFDF
DKDFLPAPDGTPASQDFFTSMPSKCAVGNILYSWNFAYNDAKIGDKKPKSIKDFFNTKKFPGKRAIYKGAMSNLEIALVA
DGVKASGAQAGGDLLYRKMEGAGIDRALAKIKKLCTDPNGGCVFWNAGAQPPELLANGEVVMATGWNGRFFNAQMEGTPL
VQVWDAQILDYEYFALVKDGPGYADGSAMKVLAEMTSTEGLAGSAKYIAYAPWRKSSIAIMEAGEPWFKDGKTNMVPHMP
TAPSNLKSHILMNPDYWADNQDEINEKWEAMKAGLHHHHHH
;
_entity_poly.pdbx_strand_id   A
#
# COMPACT_ATOMS: atom_id res chain seq x y z
N GLY A 2 7.97 -27.63 -9.88
CA GLY A 2 8.92 -26.57 -9.56
C GLY A 2 8.27 -25.43 -8.79
N ALA A 3 9.04 -24.77 -7.93
CA ALA A 3 8.49 -23.75 -7.05
C ALA A 3 8.32 -22.42 -7.75
N VAL A 4 7.36 -21.64 -7.28
CA VAL A 4 7.10 -20.31 -7.78
C VAL A 4 7.42 -19.32 -6.66
N THR A 5 8.17 -18.26 -6.97
CA THR A 5 8.64 -17.30 -5.99
C THR A 5 7.85 -16.00 -6.09
N VAL A 6 7.15 -15.65 -5.01
CA VAL A 6 6.34 -14.44 -4.93
C VAL A 6 7.05 -13.45 -4.03
N VAL A 7 7.06 -12.19 -4.44
CA VAL A 7 7.78 -11.12 -3.75
C VAL A 7 6.75 -10.17 -3.16
N SER A 8 6.86 -9.91 -1.88
CA SER A 8 5.88 -9.04 -1.22
C SER A 8 6.56 -8.31 -0.05
N TRP A 9 5.73 -7.72 0.82
CA TRP A 9 6.14 -6.59 1.62
C TRP A 9 6.42 -6.94 3.07
N GLY A 10 6.31 -8.22 3.43
CA GLY A 10 6.72 -8.70 4.73
C GLY A 10 5.67 -8.54 5.80
N GLY A 11 6.07 -8.92 7.00
CA GLY A 11 5.23 -8.72 8.18
C GLY A 11 3.83 -9.24 8.03
N ALA A 12 2.88 -8.47 8.55
CA ALA A 12 1.49 -8.89 8.56
C ALA A 12 0.92 -9.01 7.16
N TYR A 13 1.45 -8.25 6.21
CA TYR A 13 0.90 -8.31 4.86
C TYR A 13 1.24 -9.64 4.19
N THR A 14 2.53 -10.00 4.15
CA THR A 14 2.87 -11.29 3.59
C THR A 14 2.15 -12.42 4.33
N GLU A 15 2.03 -12.32 5.64
CA GLU A 15 1.34 -13.37 6.39
CA GLU A 15 1.34 -13.37 6.39
C GLU A 15 -0.11 -13.52 5.92
N SER A 16 -0.81 -12.40 5.72
CA SER A 16 -2.19 -12.47 5.24
C SER A 16 -2.28 -13.14 3.87
N GLN A 17 -1.27 -12.94 3.02
CA GLN A 17 -1.26 -13.56 1.71
C GLN A 17 -0.95 -15.05 1.80
N LYS A 18 0.10 -15.41 2.55
CA LYS A 18 0.42 -16.83 2.75
C LYS A 18 -0.77 -17.60 3.27
N LEU A 19 -1.39 -17.11 4.35
CA LEU A 19 -2.47 -17.86 4.97
C LEU A 19 -3.76 -17.77 4.17
N GLY A 20 -4.04 -16.61 3.59
CA GLY A 20 -5.28 -16.43 2.87
C GLY A 20 -5.30 -17.13 1.52
N TYR A 21 -4.19 -17.10 0.79
CA TYR A 21 -4.22 -17.65 -0.56
C TYR A 21 -2.95 -18.33 -1.07
N GLY A 22 -1.78 -18.02 -0.52
CA GLY A 22 -0.57 -18.68 -1.00
C GLY A 22 -0.48 -20.15 -0.65
N ASP A 23 -0.57 -20.45 0.65
CA ASP A 23 -0.50 -21.84 1.09
C ASP A 23 -1.65 -22.65 0.52
N PRO A 24 -2.89 -22.17 0.51
CA PRO A 24 -3.96 -22.95 -0.13
C PRO A 24 -3.70 -23.21 -1.60
N THR A 25 -3.16 -22.22 -2.32
CA THR A 25 -2.87 -22.41 -3.73
C THR A 25 -1.80 -23.49 -3.92
N ALA A 26 -0.73 -23.43 -3.13
CA ALA A 26 0.35 -24.41 -3.28
C ALA A 26 -0.17 -25.82 -3.05
N ALA A 27 -1.00 -25.99 -2.03
CA ALA A 27 -1.53 -27.31 -1.72
C ALA A 27 -2.46 -27.81 -2.81
N LYS A 28 -3.28 -26.92 -3.37
CA LYS A 28 -4.26 -27.33 -4.38
C LYS A 28 -3.59 -27.70 -5.69
N LEU A 29 -2.60 -26.91 -6.11
CA LEU A 29 -1.99 -27.08 -7.42
C LEU A 29 -0.82 -28.04 -7.43
N GLY A 30 -0.20 -28.29 -6.27
CA GLY A 30 1.04 -29.05 -6.24
C GLY A 30 2.25 -28.28 -6.73
N ILE A 31 2.16 -26.96 -6.76
CA ILE A 31 3.26 -26.07 -7.12
C ILE A 31 3.65 -25.33 -5.84
N PRO A 32 4.83 -25.55 -5.29
CA PRO A 32 5.21 -24.80 -4.08
C PRO A 32 5.22 -23.31 -4.35
N VAL A 33 4.78 -22.53 -3.34
CA VAL A 33 4.70 -21.08 -3.42
C VAL A 33 5.53 -20.52 -2.29
N ASN A 34 6.65 -19.87 -2.64
CA ASN A 34 7.60 -19.34 -1.66
C ASN A 34 7.57 -17.81 -1.70
N TRP A 35 7.88 -17.19 -0.56
CA TRP A 35 7.74 -15.75 -0.38
C TRP A 35 9.09 -15.10 -0.09
N VAL A 36 9.38 -14.01 -0.78
CA VAL A 36 10.56 -13.18 -0.56
C VAL A 36 10.08 -11.79 -0.17
N ASP A 37 10.72 -11.18 0.83
CA ASP A 37 10.41 -9.82 1.25
C ASP A 37 11.19 -8.79 0.44
N TYR A 38 10.53 -7.70 0.09
CA TYR A 38 11.18 -6.49 -0.41
C TYR A 38 10.42 -5.28 0.11
N THR A 39 10.84 -4.10 -0.32
CA THR A 39 10.23 -2.85 0.13
C THR A 39 9.73 -1.99 -1.02
N GLY A 40 9.43 -2.62 -2.15
CA GLY A 40 8.81 -1.93 -3.27
C GLY A 40 9.81 -1.49 -4.32
N GLY A 41 9.25 -1.03 -5.42
CA GLY A 41 10.02 -0.55 -6.54
C GLY A 41 10.52 -1.66 -7.44
N LEU A 42 11.31 -1.25 -8.43
CA LEU A 42 11.74 -2.15 -9.50
C LEU A 42 13.26 -2.35 -9.56
N SER A 43 14.03 -1.80 -8.63
CA SER A 43 15.48 -1.84 -8.80
C SER A 43 16.03 -3.27 -8.74
N GLU A 44 15.50 -4.11 -7.84
CA GLU A 44 16.00 -5.47 -7.72
C GLU A 44 15.68 -6.27 -8.97
N ILE A 45 14.44 -6.17 -9.46
CA ILE A 45 14.08 -6.97 -10.62
C ILE A 45 14.80 -6.48 -11.87
N LYS A 46 15.02 -5.16 -11.98
CA LYS A 46 15.81 -4.66 -13.10
C LYS A 46 17.23 -5.22 -13.05
N ALA A 47 17.84 -5.27 -11.87
CA ALA A 47 19.17 -5.82 -11.76
C ALA A 47 19.21 -7.29 -12.15
N GLN A 48 18.23 -8.07 -11.69
CA GLN A 48 18.16 -9.48 -12.05
C GLN A 48 18.00 -9.64 -13.56
N LYS A 49 17.11 -8.85 -14.15
CA LYS A 49 16.84 -8.98 -15.59
C LYS A 49 18.06 -8.61 -16.41
N GLU A 50 18.74 -7.52 -16.05
CA GLU A 50 19.93 -7.12 -16.79
C GLU A 50 21.05 -8.14 -16.67
N ALA A 51 21.15 -8.84 -15.55
CA ALA A 51 22.15 -9.88 -15.35
C ALA A 51 21.76 -11.21 -15.96
N GLY A 52 20.57 -11.34 -16.53
CA GLY A 52 20.13 -12.63 -17.03
C GLY A 52 19.99 -13.67 -15.94
N ALA A 53 19.56 -13.25 -14.76
CA ALA A 53 19.52 -14.11 -13.59
C ALA A 53 18.26 -13.81 -12.78
N ILE A 54 17.10 -14.01 -13.38
CA ILE A 54 15.84 -13.73 -12.71
C ILE A 54 15.45 -14.91 -11.84
N THR A 55 15.23 -14.66 -10.55
CA THR A 55 14.76 -15.68 -9.63
C THR A 55 13.36 -15.39 -9.11
N TRP A 56 12.78 -14.23 -9.41
CA TRP A 56 11.45 -13.85 -8.97
C TRP A 56 10.44 -14.16 -10.06
N ASP A 57 9.29 -14.70 -9.67
CA ASP A 57 8.23 -15.02 -10.63
C ASP A 57 7.06 -14.05 -10.61
N ILE A 58 6.56 -13.70 -9.43
CA ILE A 58 5.37 -12.86 -9.27
C ILE A 58 5.73 -11.79 -8.26
N MET A 59 5.42 -10.53 -8.58
CA MET A 59 5.71 -9.43 -7.67
C MET A 59 4.42 -8.73 -7.26
N ASP A 60 4.26 -8.55 -5.96
CA ASP A 60 3.22 -7.70 -5.41
C ASP A 60 3.75 -6.28 -5.45
N VAL A 61 3.11 -5.43 -6.27
CA VAL A 61 3.68 -4.14 -6.65
C VAL A 61 2.73 -2.97 -6.43
N TYR A 62 3.32 -1.82 -6.12
CA TYR A 62 2.65 -0.53 -6.19
C TYR A 62 1.96 -0.36 -7.55
N ALA A 63 0.82 0.32 -7.53
CA ALA A 63 0.11 0.65 -8.75
C ALA A 63 1.02 1.29 -9.80
N LYS A 64 1.84 2.26 -9.38
CA LYS A 64 2.69 2.95 -10.35
C LYS A 64 3.68 2.00 -11.00
N ASP A 65 4.10 0.97 -10.27
CA ASP A 65 5.09 0.04 -10.80
C ASP A 65 4.48 -0.98 -11.77
N THR A 66 3.16 -1.22 -11.74
CA THR A 66 2.55 -1.99 -12.83
C THR A 66 2.70 -1.26 -14.15
N ILE A 67 2.60 0.07 -14.13
CA ILE A 67 2.70 0.88 -15.33
C ILE A 67 4.14 0.89 -15.82
N ILE A 68 5.06 1.26 -14.93
CA ILE A 68 6.48 1.34 -15.30
C ILE A 68 6.99 -0.02 -15.75
N GLY A 69 6.69 -1.08 -15.01
CA GLY A 69 7.21 -2.39 -15.34
C GLY A 69 6.64 -2.95 -16.63
N CYS A 70 5.42 -2.54 -16.97
CA CYS A 70 4.87 -2.87 -18.27
C CYS A 70 5.60 -2.11 -19.37
N ASP A 71 5.79 -0.80 -19.18
CA ASP A 71 6.41 0.03 -20.20
C ASP A 71 7.87 -0.37 -20.44
N GLU A 72 8.53 -0.89 -19.41
CA GLU A 72 9.93 -1.33 -19.52
C GLU A 72 10.07 -2.78 -19.96
N GLY A 73 8.96 -3.48 -20.18
CA GLY A 73 9.08 -4.84 -20.67
C GLY A 73 9.50 -5.85 -19.62
N ILE A 74 9.35 -5.52 -18.33
CA ILE A 74 9.66 -6.46 -17.25
C ILE A 74 8.51 -7.45 -17.04
N PHE A 75 7.29 -6.96 -17.11
CA PHE A 75 6.10 -7.72 -16.74
C PHE A 75 5.33 -8.18 -17.97
N HIS A 76 4.57 -9.26 -17.78
CA HIS A 76 3.76 -9.87 -18.82
C HIS A 76 2.44 -9.14 -18.99
N GLU A 77 2.08 -8.85 -20.24
CA GLU A 77 0.79 -8.26 -20.55
C GLU A 77 -0.28 -9.35 -20.57
N PHE A 78 -1.24 -9.25 -19.64
CA PHE A 78 -2.27 -10.26 -19.53
C PHE A 78 -3.37 -10.10 -20.58
N ASP A 79 -4.03 -11.22 -20.86
CA ASP A 79 -5.29 -11.26 -21.60
C ASP A 79 -6.32 -11.55 -20.53
N PHE A 80 -6.92 -10.49 -19.99
CA PHE A 80 -7.44 -10.54 -18.62
C PHE A 80 -8.44 -11.67 -18.42
N ASP A 81 -9.46 -11.78 -19.28
CA ASP A 81 -10.50 -12.76 -19.02
C ASP A 81 -10.12 -14.17 -19.45
N LYS A 82 -9.06 -14.35 -20.23
CA LYS A 82 -8.52 -15.69 -20.45
C LYS A 82 -7.60 -16.11 -19.32
N ASP A 83 -6.87 -15.18 -18.70
CA ASP A 83 -5.85 -15.52 -17.74
C ASP A 83 -6.38 -15.61 -16.31
N PHE A 84 -7.42 -14.85 -15.96
CA PHE A 84 -7.92 -14.80 -14.60
C PHE A 84 -9.30 -15.45 -14.50
N LEU A 85 -9.60 -15.91 -13.32
CA LEU A 85 -10.76 -16.78 -13.17
C LEU A 85 -12.05 -15.98 -13.06
N PRO A 86 -13.15 -16.48 -13.62
CA PRO A 86 -14.44 -15.84 -13.38
C PRO A 86 -14.85 -15.94 -11.92
N ALA A 87 -15.79 -15.09 -11.53
CA ALA A 87 -16.48 -15.28 -10.27
C ALA A 87 -17.22 -16.61 -10.28
N PRO A 88 -17.52 -17.17 -9.11
CA PRO A 88 -18.27 -18.43 -9.06
C PRO A 88 -19.55 -18.42 -9.88
N ASP A 89 -20.25 -17.29 -9.97
CA ASP A 89 -21.50 -17.24 -10.72
C ASP A 89 -21.31 -17.12 -12.23
N GLY A 90 -20.06 -17.09 -12.69
CA GLY A 90 -19.74 -16.98 -14.10
C GLY A 90 -19.35 -15.59 -14.56
N THR A 91 -19.44 -14.59 -13.70
CA THR A 91 -19.07 -13.24 -14.11
C THR A 91 -17.61 -13.22 -14.55
N PRO A 92 -17.30 -12.74 -15.77
CA PRO A 92 -15.89 -12.70 -16.16
C PRO A 92 -15.07 -11.83 -15.22
N ALA A 93 -13.80 -12.17 -15.09
CA ALA A 93 -12.91 -11.46 -14.16
C ALA A 93 -12.96 -9.95 -14.37
N SER A 94 -12.98 -9.50 -15.63
CA SER A 94 -12.93 -8.06 -15.89
C SER A 94 -14.16 -7.33 -15.34
N GLN A 95 -15.29 -8.01 -15.22
CA GLN A 95 -16.49 -7.42 -14.64
C GLN A 95 -16.58 -7.65 -13.14
N ASP A 96 -15.78 -8.55 -12.58
CA ASP A 96 -15.78 -8.83 -11.16
C ASP A 96 -14.80 -7.92 -10.41
N PHE A 97 -13.58 -7.78 -10.92
CA PHE A 97 -12.71 -6.73 -10.41
C PHE A 97 -13.45 -5.39 -10.53
N PHE A 98 -13.42 -4.58 -9.46
CA PHE A 98 -14.46 -3.56 -9.31
C PHE A 98 -14.28 -2.38 -10.25
N THR A 99 -13.07 -2.19 -10.80
CA THR A 99 -12.80 -1.15 -11.78
C THR A 99 -11.74 -1.68 -12.74
N SER A 100 -11.33 -0.83 -13.68
CA SER A 100 -10.35 -1.25 -14.68
C SER A 100 -8.94 -1.33 -14.08
N MET A 101 -8.07 -2.03 -14.78
CA MET A 101 -6.66 -2.11 -14.42
C MET A 101 -5.91 -0.88 -14.92
N PRO A 102 -4.84 -0.48 -14.21
CA PRO A 102 -4.07 0.70 -14.62
C PRO A 102 -3.06 0.41 -15.71
N SER A 103 -2.84 -0.86 -16.01
CA SER A 103 -1.88 -1.30 -16.99
C SER A 103 -2.30 -2.69 -17.45
N LYS A 104 -1.88 -3.09 -18.66
CA LYS A 104 -2.15 -4.44 -19.12
C LYS A 104 -1.38 -5.49 -18.33
N CYS A 105 -0.37 -5.07 -17.55
CA CYS A 105 0.44 -5.98 -16.76
C CYS A 105 -0.05 -6.14 -15.33
N ALA A 106 -1.20 -5.59 -14.98
CA ALA A 106 -1.68 -5.56 -13.60
C ALA A 106 -2.85 -6.52 -13.38
N VAL A 107 -2.86 -7.20 -12.24
CA VAL A 107 -4.06 -7.85 -11.73
C VAL A 107 -4.20 -7.46 -10.26
N GLY A 108 -5.37 -6.97 -9.86
CA GLY A 108 -5.56 -6.55 -8.50
C GLY A 108 -5.49 -7.68 -7.50
N ASN A 109 -5.05 -7.33 -6.28
CA ASN A 109 -5.30 -8.19 -5.12
C ASN A 109 -6.16 -7.48 -4.09
N ILE A 110 -5.63 -6.46 -3.39
CA ILE A 110 -6.37 -5.78 -2.35
C ILE A 110 -6.26 -4.26 -2.52
N LEU A 111 -7.10 -3.55 -1.76
CA LEU A 111 -7.02 -2.10 -1.57
C LEU A 111 -6.54 -1.82 -0.15
N TYR A 112 -5.70 -0.80 -0.01
CA TYR A 112 -5.12 -0.42 1.27
C TYR A 112 -5.16 1.09 1.39
N SER A 113 -4.98 1.57 2.62
CA SER A 113 -4.92 3.01 2.89
C SER A 113 -3.57 3.39 3.47
N TRP A 114 -3.08 4.54 3.03
CA TRP A 114 -2.06 5.30 3.76
C TRP A 114 -2.79 6.18 4.75
N ASN A 115 -2.48 6.05 6.03
CA ASN A 115 -3.10 6.93 7.02
C ASN A 115 -2.06 7.23 8.09
N PHE A 116 -2.46 7.57 9.32
CA PHE A 116 -1.47 7.70 10.39
C PHE A 116 -2.07 7.21 11.68
N ALA A 117 -1.19 7.00 12.66
CA ALA A 117 -1.62 6.51 13.96
C ALA A 117 -0.80 7.17 15.06
N TYR A 118 -1.32 7.07 16.27
CA TYR A 118 -0.62 7.42 17.49
C TYR A 118 -0.81 6.30 18.50
N ASN A 119 0.00 6.33 19.57
CA ASN A 119 -0.11 5.38 20.67
C ASN A 119 -0.95 6.04 21.76
N ASP A 120 -2.16 5.53 21.96
CA ASP A 120 -3.10 6.17 22.89
C ASP A 120 -2.57 6.16 24.32
N ALA A 121 -1.71 5.20 24.66
CA ALA A 121 -1.17 5.11 26.01
C ALA A 121 0.00 6.06 26.24
N LYS A 122 0.58 6.62 25.18
CA LYS A 122 1.74 7.50 25.28
C LYS A 122 1.49 8.93 24.85
N ILE A 123 0.48 9.18 24.02
CA ILE A 123 0.34 10.48 23.38
C ILE A 123 0.04 11.59 24.39
N GLY A 124 -0.70 11.29 25.46
CA GLY A 124 -1.13 12.26 26.43
C GLY A 124 -2.62 12.51 26.36
N ASP A 125 -3.07 13.52 27.11
CA ASP A 125 -4.50 13.76 27.23
C ASP A 125 -5.10 14.29 25.94
N LYS A 126 -4.38 15.13 25.21
CA LYS A 126 -4.86 15.63 23.92
C LYS A 126 -4.65 14.55 22.86
N LYS A 127 -5.67 14.31 22.03
CA LYS A 127 -5.65 13.21 21.07
C LYS A 127 -5.67 13.75 19.64
N PRO A 128 -4.72 13.36 18.79
CA PRO A 128 -4.80 13.77 17.38
C PRO A 128 -6.07 13.27 16.72
N LYS A 129 -6.63 14.11 15.85
CA LYS A 129 -7.86 13.78 15.13
C LYS A 129 -7.82 14.13 13.66
N SER A 130 -6.82 14.86 13.17
CA SER A 130 -6.82 15.36 11.80
C SER A 130 -5.42 15.31 11.23
N ILE A 131 -5.33 15.42 9.91
CA ILE A 131 -4.01 15.52 9.27
C ILE A 131 -3.32 16.84 9.64
N LYS A 132 -4.09 17.90 9.94
CA LYS A 132 -3.46 19.11 10.45
C LYS A 132 -2.77 18.83 11.78
N ASP A 133 -3.38 18.00 12.64
CA ASP A 133 -2.73 17.65 13.91
C ASP A 133 -1.38 16.95 13.67
N PHE A 134 -1.28 16.14 12.62
CA PHE A 134 -0.01 15.48 12.30
C PHE A 134 1.11 16.50 12.15
N PHE A 135 0.81 17.66 11.58
CA PHE A 135 1.79 18.71 11.35
C PHE A 135 1.88 19.76 12.47
N ASN A 136 1.08 19.63 13.53
CA ASN A 136 0.96 20.66 14.55
C ASN A 136 1.91 20.34 15.69
N THR A 137 3.11 20.92 15.63
CA THR A 137 4.12 20.64 16.64
C THR A 137 3.90 21.42 17.91
N LYS A 138 3.10 22.48 17.87
CA LYS A 138 2.79 23.23 19.09
C LYS A 138 1.81 22.45 19.96
N LYS A 139 0.72 21.97 19.36
CA LYS A 139 -0.26 21.20 20.13
C LYS A 139 0.28 19.81 20.45
N PHE A 140 1.02 19.22 19.52
CA PHE A 140 1.55 17.86 19.65
C PHE A 140 3.04 17.86 19.36
N PRO A 141 3.87 18.26 20.34
CA PRO A 141 5.32 18.20 20.10
C PRO A 141 5.81 16.76 20.04
N GLY A 142 6.84 16.55 19.23
CA GLY A 142 7.53 15.28 19.16
C GLY A 142 7.92 14.86 17.76
N LYS A 143 8.70 13.80 17.65
CA LYS A 143 9.10 13.33 16.33
C LYS A 143 7.93 12.67 15.62
N ARG A 144 7.94 12.78 14.29
CA ARG A 144 7.02 12.04 13.42
C ARG A 144 7.80 11.03 12.61
N ALA A 145 7.13 9.93 12.25
CA ALA A 145 7.63 9.04 11.23
C ALA A 145 6.85 9.28 9.95
N ILE A 146 7.56 9.48 8.84
CA ILE A 146 6.94 9.68 7.54
C ILE A 146 7.65 8.76 6.53
N TYR A 147 6.95 8.48 5.42
CA TYR A 147 7.48 7.55 4.43
C TYR A 147 8.77 8.08 3.80
N LYS A 148 9.67 7.16 3.43
CA LYS A 148 10.98 7.56 2.90
C LYS A 148 10.87 8.30 1.58
N GLY A 149 9.81 8.05 0.81
CA GLY A 149 9.66 8.63 -0.51
C GLY A 149 8.69 9.80 -0.53
N ALA A 150 8.78 10.58 -1.61
CA ALA A 150 7.87 11.72 -1.76
C ALA A 150 6.42 11.29 -1.90
N MET A 151 6.19 10.13 -2.51
CA MET A 151 4.83 9.66 -2.76
C MET A 151 4.09 9.47 -1.44
N SER A 152 2.85 10.01 -1.40
CA SER A 152 1.97 10.04 -0.24
C SER A 152 2.27 11.26 0.64
N ASN A 153 3.56 11.58 0.82
CA ASN A 153 3.91 12.74 1.64
C ASN A 153 3.48 14.04 1.01
N LEU A 154 3.64 14.19 -0.31
CA LEU A 154 3.28 15.47 -0.90
C LEU A 154 1.77 15.69 -0.85
N GLU A 155 1.00 14.61 -1.04
CA GLU A 155 -0.46 14.71 -0.98
C GLU A 155 -0.92 15.14 0.41
N ILE A 156 -0.45 14.47 1.46
CA ILE A 156 -0.95 14.81 2.78
C ILE A 156 -0.47 16.19 3.21
N ALA A 157 0.74 16.59 2.78
CA ALA A 157 1.23 17.93 3.12
C ALA A 157 0.33 19.00 2.51
N LEU A 158 -0.07 18.80 1.26
CA LEU A 158 -0.94 19.79 0.64
C LEU A 158 -2.32 19.83 1.29
N VAL A 159 -2.88 18.67 1.62
CA VAL A 159 -4.17 18.69 2.29
C VAL A 159 -4.07 19.31 3.67
N ALA A 160 -2.96 19.08 4.37
CA ALA A 160 -2.75 19.72 5.66
C ALA A 160 -2.58 21.24 5.53
N ASP A 161 -2.13 21.71 4.35
CA ASP A 161 -2.06 23.13 4.04
C ASP A 161 -3.39 23.69 3.58
N GLY A 162 -4.45 22.90 3.58
CA GLY A 162 -5.76 23.37 3.22
C GLY A 162 -6.06 23.30 1.74
N VAL A 163 -5.24 22.62 0.96
CA VAL A 163 -5.55 22.36 -0.43
C VAL A 163 -6.53 21.21 -0.47
N LYS A 164 -7.57 21.32 -1.29
CA LYS A 164 -8.68 20.38 -1.25
C LYS A 164 -8.43 19.18 -2.16
N ALA A 165 -8.60 17.98 -1.62
CA ALA A 165 -8.72 16.76 -2.41
C ALA A 165 -10.19 16.43 -2.61
N SER A 166 -10.48 15.66 -3.64
CA SER A 166 -11.86 15.29 -3.93
C SER A 166 -12.23 13.89 -3.48
N GLY A 167 -11.26 13.03 -3.22
CA GLY A 167 -11.53 11.61 -3.16
C GLY A 167 -11.83 11.08 -4.55
N ALA A 168 -12.20 9.82 -4.59
CA ALA A 168 -12.45 9.14 -5.85
C ALA A 168 -13.56 9.82 -6.64
N GLN A 169 -13.30 10.02 -7.92
CA GLN A 169 -14.31 10.41 -8.88
C GLN A 169 -13.73 10.14 -10.26
N ALA A 170 -14.59 10.21 -11.27
CA ALA A 170 -14.14 9.99 -12.63
C ALA A 170 -13.01 10.95 -12.97
N GLY A 171 -11.92 10.42 -13.52
CA GLY A 171 -10.75 11.24 -13.81
C GLY A 171 -9.72 11.30 -12.70
N GLY A 172 -10.00 10.69 -11.57
CA GLY A 172 -9.06 10.68 -10.46
C GLY A 172 -9.28 11.87 -9.55
N ASP A 173 -8.48 11.88 -8.49
CA ASP A 173 -8.57 12.94 -7.51
C ASP A 173 -8.15 14.28 -8.09
N LEU A 174 -8.96 15.31 -7.82
CA LEU A 174 -8.66 16.66 -8.23
C LEU A 174 -7.39 17.21 -7.60
N LEU A 175 -6.90 16.58 -6.53
CA LEU A 175 -5.69 17.07 -5.88
C LEU A 175 -4.52 17.10 -6.86
N TYR A 176 -4.46 16.15 -7.77
CA TYR A 176 -3.25 16.02 -8.59
C TYR A 176 -3.08 17.20 -9.55
N ARG A 177 -4.18 17.85 -9.96
CA ARG A 177 -4.07 19.05 -10.79
C ARG A 177 -3.46 20.21 -10.03
N LYS A 178 -3.39 20.10 -8.71
CA LYS A 178 -2.79 21.10 -7.84
C LYS A 178 -1.38 20.72 -7.44
N MET A 179 -0.83 19.70 -8.07
CA MET A 179 0.52 19.23 -7.78
C MET A 179 1.43 19.43 -8.99
N GLU A 180 1.36 20.62 -9.58
CA GLU A 180 2.35 21.05 -10.55
C GLU A 180 3.52 21.66 -9.77
N GLY A 181 4.39 22.40 -10.45
CA GLY A 181 5.61 22.85 -9.80
C GLY A 181 5.36 23.61 -8.51
N ALA A 182 4.45 24.58 -8.53
CA ALA A 182 4.22 25.40 -7.35
C ALA A 182 3.69 24.55 -6.19
N GLY A 183 2.75 23.65 -6.48
CA GLY A 183 2.21 22.79 -5.43
C GLY A 183 3.25 21.84 -4.87
N ILE A 184 4.09 21.27 -5.73
CA ILE A 184 5.20 20.44 -5.26
C ILE A 184 6.11 21.25 -4.33
N ASP A 185 6.44 22.49 -4.73
CA ASP A 185 7.31 23.31 -3.90
C ASP A 185 6.68 23.58 -2.53
N ARG A 186 5.36 23.85 -2.50
CA ARG A 186 4.70 24.07 -1.23
C ARG A 186 4.76 22.82 -0.36
N ALA A 187 4.52 21.65 -0.96
CA ALA A 187 4.52 20.40 -0.21
C ALA A 187 5.90 20.11 0.37
N LEU A 188 6.94 20.33 -0.44
CA LEU A 188 8.30 20.13 0.04
C LEU A 188 8.62 21.06 1.20
N ALA A 189 8.17 22.31 1.11
CA ALA A 189 8.44 23.28 2.18
C ALA A 189 7.72 22.87 3.46
N LYS A 190 6.53 22.29 3.33
CA LYS A 190 5.76 21.86 4.50
C LYS A 190 6.45 20.70 5.21
N ILE A 191 6.94 19.72 4.43
CA ILE A 191 7.65 18.61 5.03
C ILE A 191 8.96 19.10 5.67
N LYS A 192 9.72 19.92 4.94
CA LYS A 192 10.96 20.46 5.50
C LYS A 192 10.69 21.17 6.82
N LYS A 193 9.60 21.93 6.88
CA LYS A 193 9.26 22.65 8.11
C LYS A 193 9.03 21.68 9.28
N LEU A 194 8.25 20.62 9.04
CA LEU A 194 8.03 19.61 10.07
C LEU A 194 9.34 18.99 10.53
N CYS A 195 10.19 18.60 9.58
CA CYS A 195 11.40 17.87 9.93
C CYS A 195 12.48 18.75 10.53
N THR A 196 12.43 20.06 10.30
CA THR A 196 13.42 20.96 10.88
C THR A 196 12.98 21.58 12.20
N ASP A 197 11.72 21.46 12.54
CA ASP A 197 11.20 22.06 13.75
C ASP A 197 11.81 21.39 14.97
N PRO A 198 12.41 22.13 15.91
CA PRO A 198 12.96 21.47 17.10
C PRO A 198 11.90 20.72 17.89
N ASN A 199 10.63 21.09 17.76
CA ASN A 199 9.53 20.38 18.38
C ASN A 199 8.86 19.39 17.43
N GLY A 200 9.46 19.15 16.28
CA GLY A 200 9.04 18.10 15.38
C GLY A 200 10.18 17.14 15.13
N GLY A 201 10.61 17.05 13.88
CA GLY A 201 11.65 16.12 13.48
C GLY A 201 11.03 14.88 12.85
N CYS A 202 11.82 14.20 12.02
CA CYS A 202 11.31 13.13 11.18
C CYS A 202 12.22 11.91 11.19
N VAL A 203 11.59 10.75 11.33
CA VAL A 203 12.18 9.45 11.04
C VAL A 203 11.54 8.98 9.73
N PHE A 204 12.35 8.57 8.76
CA PHE A 204 11.86 8.11 7.48
C PHE A 204 11.73 6.59 7.48
N TRP A 205 10.50 6.10 7.33
CA TRP A 205 10.28 4.66 7.36
C TRP A 205 10.28 4.09 5.95
N ASN A 206 10.75 2.84 5.83
CA ASN A 206 10.86 2.15 4.56
C ASN A 206 10.06 0.87 4.51
N ALA A 207 10.00 0.14 5.61
CA ALA A 207 9.30 -1.13 5.68
C ALA A 207 7.98 -0.95 6.41
N GLY A 208 6.96 -1.68 5.97
CA GLY A 208 5.63 -1.48 6.50
C GLY A 208 5.49 -1.77 7.98
N ALA A 209 6.36 -2.61 8.54
CA ALA A 209 6.31 -2.89 9.95
C ALA A 209 6.87 -1.76 10.81
N GLN A 210 7.58 -0.80 10.24
CA GLN A 210 8.26 0.18 11.06
C GLN A 210 7.31 1.15 11.76
N PRO A 211 6.28 1.69 11.09
CA PRO A 211 5.41 2.65 11.77
C PRO A 211 4.79 2.12 13.06
N PRO A 212 4.17 0.93 13.07
CA PRO A 212 3.63 0.45 14.36
C PRO A 212 4.70 0.20 15.40
N GLU A 213 5.87 -0.30 14.98
CA GLU A 213 6.95 -0.55 15.93
C GLU A 213 7.45 0.75 16.57
N LEU A 214 7.62 1.79 15.75
CA LEU A 214 8.08 3.08 16.27
C LEU A 214 7.09 3.66 17.27
N LEU A 215 5.79 3.49 17.01
CA LEU A 215 4.77 3.96 17.95
C LEU A 215 4.73 3.10 19.20
N ALA A 216 4.84 1.78 19.05
CA ALA A 216 4.80 0.90 20.23
C ALA A 216 5.95 1.19 21.17
N ASN A 217 7.10 1.58 20.64
CA ASN A 217 8.31 1.84 21.43
C ASN A 217 8.45 3.30 21.84
N GLY A 218 7.50 4.16 21.46
CA GLY A 218 7.56 5.55 21.85
C GLY A 218 8.64 6.36 21.15
N GLU A 219 9.13 5.91 20.00
CA GLU A 219 10.19 6.62 19.29
C GLU A 219 9.66 7.83 18.53
N VAL A 220 8.38 7.81 18.15
CA VAL A 220 7.72 8.95 17.55
C VAL A 220 6.35 9.09 18.20
N VAL A 221 5.79 10.30 18.12
CA VAL A 221 4.46 10.56 18.68
C VAL A 221 3.36 10.23 17.68
N MET A 222 3.64 10.35 16.39
CA MET A 222 2.70 10.01 15.33
C MET A 222 3.50 9.46 14.17
N ALA A 223 2.90 8.51 13.44
CA ALA A 223 3.57 7.88 12.29
C ALA A 223 2.53 7.67 11.21
N THR A 224 2.87 8.07 9.98
CA THR A 224 2.10 7.57 8.85
C THR A 224 2.41 6.09 8.66
N GLY A 225 1.54 5.41 7.92
CA GLY A 225 1.74 4.00 7.67
C GLY A 225 0.57 3.44 6.89
N TRP A 226 0.57 2.13 6.72
CA TRP A 226 -0.50 1.45 6.03
C TRP A 226 -1.48 0.87 7.05
N ASN A 227 -2.77 1.05 6.79
CA ASN A 227 -3.76 0.81 7.83
C ASN A 227 -3.74 -0.63 8.33
N GLY A 228 -3.41 -1.58 7.47
CA GLY A 228 -3.39 -2.98 7.89
C GLY A 228 -2.27 -3.30 8.84
N ARG A 229 -1.17 -2.56 8.76
CA ARG A 229 -0.07 -2.75 9.70
C ARG A 229 -0.47 -2.22 11.07
N PHE A 230 -1.17 -1.09 11.11
CA PHE A 230 -1.70 -0.59 12.37
C PHE A 230 -2.75 -1.53 12.92
N PHE A 231 -3.65 -2.01 12.06
CA PHE A 231 -4.68 -2.96 12.46
C PHE A 231 -4.06 -4.20 13.09
N ASN A 232 -3.02 -4.74 12.47
CA ASN A 232 -2.38 -5.93 13.03
C ASN A 232 -1.86 -5.67 14.43
N ALA A 233 -1.19 -4.52 14.63
CA ALA A 233 -0.67 -4.19 15.94
C ALA A 233 -1.80 -4.02 16.95
N GLN A 234 -2.91 -3.42 16.53
CA GLN A 234 -4.06 -3.29 17.42
C GLN A 234 -4.59 -4.65 17.84
N MET A 235 -4.69 -5.59 16.89
CA MET A 235 -5.23 -6.91 17.23
C MET A 235 -4.27 -7.70 18.11
N GLU A 236 -2.99 -7.34 18.11
CA GLU A 236 -2.03 -7.93 19.02
C GLU A 236 -2.01 -7.25 20.38
N GLY A 237 -2.85 -6.23 20.59
CA GLY A 237 -2.98 -5.59 21.88
C GLY A 237 -2.23 -4.29 22.05
N THR A 238 -1.58 -3.80 21.00
CA THR A 238 -0.90 -2.51 21.10
C THR A 238 -1.95 -1.39 20.99
N PRO A 239 -1.98 -0.44 21.95
CA PRO A 239 -3.06 0.55 21.99
C PRO A 239 -2.90 1.71 21.00
N LEU A 240 -2.72 1.37 19.73
CA LEU A 240 -2.67 2.39 18.70
C LEU A 240 -4.08 2.84 18.34
N VAL A 241 -4.18 4.07 17.87
CA VAL A 241 -5.41 4.61 17.28
C VAL A 241 -5.07 5.17 15.91
N GLN A 242 -5.82 4.75 14.91
CA GLN A 242 -5.64 5.23 13.54
C GLN A 242 -6.49 6.48 13.31
N VAL A 243 -5.92 7.43 12.57
CA VAL A 243 -6.60 8.64 12.13
C VAL A 243 -6.74 8.57 10.62
N TRP A 244 -7.97 8.74 10.15
CA TRP A 244 -8.32 8.50 8.75
C TRP A 244 -8.54 9.77 7.96
N ASP A 245 -8.43 10.94 8.59
CA ASP A 245 -8.53 12.21 7.87
C ASP A 245 -7.40 12.30 6.86
N ALA A 246 -7.75 12.55 5.60
CA ALA A 246 -6.78 12.63 4.51
C ALA A 246 -6.04 11.30 4.31
N GLN A 247 -6.67 10.18 4.66
CA GLN A 247 -6.12 8.90 4.23
C GLN A 247 -6.08 8.84 2.72
N ILE A 248 -5.09 8.12 2.19
CA ILE A 248 -4.97 7.91 0.75
C ILE A 248 -5.39 6.49 0.46
N LEU A 249 -6.47 6.36 -0.31
CA LEU A 249 -6.95 5.06 -0.76
C LEU A 249 -6.14 4.65 -1.97
N ASP A 250 -5.53 3.46 -1.89
CA ASP A 250 -4.61 2.98 -2.90
C ASP A 250 -4.97 1.55 -3.25
N TYR A 251 -4.52 1.11 -4.42
CA TYR A 251 -4.86 -0.19 -4.99
C TYR A 251 -3.57 -0.96 -5.20
N GLU A 252 -3.54 -2.22 -4.79
CA GLU A 252 -2.35 -3.05 -4.93
C GLU A 252 -2.60 -4.15 -5.97
N TYR A 253 -1.51 -4.65 -6.53
CA TYR A 253 -1.55 -5.57 -7.66
C TYR A 253 -0.46 -6.62 -7.55
N PHE A 254 -0.67 -7.70 -8.30
CA PHE A 254 0.40 -8.57 -8.71
C PHE A 254 0.75 -8.31 -10.17
N ALA A 255 2.01 -8.61 -10.52
CA ALA A 255 2.47 -8.65 -11.89
C ALA A 255 3.32 -9.90 -12.05
N LEU A 256 3.33 -10.43 -13.28
CA LEU A 256 4.05 -11.65 -13.63
C LEU A 256 5.36 -11.26 -14.30
N VAL A 257 6.48 -11.75 -13.73
CA VAL A 257 7.80 -11.42 -14.25
C VAL A 257 8.11 -12.28 -15.47
N LYS A 258 8.31 -11.64 -16.62
CA LYS A 258 8.73 -12.38 -17.80
C LYS A 258 10.08 -13.01 -17.57
N ASP A 259 10.24 -14.25 -18.02
CA ASP A 259 11.50 -14.99 -17.98
C ASP A 259 11.93 -15.41 -16.58
N GLY A 260 11.03 -15.31 -15.59
CA GLY A 260 11.25 -15.91 -14.29
C GLY A 260 11.25 -17.43 -14.38
N PRO A 261 11.66 -18.10 -13.30
CA PRO A 261 11.83 -19.57 -13.38
C PRO A 261 10.57 -20.31 -13.79
N GLY A 262 9.39 -19.86 -13.35
CA GLY A 262 8.15 -20.50 -13.71
C GLY A 262 7.36 -19.82 -14.83
N TYR A 263 8.04 -19.00 -15.63
CA TYR A 263 7.34 -18.28 -16.69
C TYR A 263 7.05 -19.19 -17.88
N ALA A 264 8.09 -19.75 -18.50
CA ALA A 264 7.90 -20.46 -19.76
C ALA A 264 7.00 -21.68 -19.59
N ASP A 265 7.07 -22.36 -18.45
CA ASP A 265 6.32 -23.60 -18.24
C ASP A 265 4.92 -23.37 -17.71
N GLY A 266 4.51 -22.12 -17.53
CA GLY A 266 3.16 -21.79 -17.14
C GLY A 266 2.85 -21.92 -15.67
N SER A 267 3.81 -22.36 -14.85
CA SER A 267 3.51 -22.61 -13.45
C SER A 267 3.22 -21.31 -12.69
N ALA A 268 3.96 -20.24 -12.99
CA ALA A 268 3.72 -19.00 -12.27
C ALA A 268 2.33 -18.45 -12.57
N MET A 269 1.91 -18.51 -13.84
CA MET A 269 0.59 -18.05 -14.20
C MET A 269 -0.49 -18.86 -13.50
N LYS A 270 -0.30 -20.18 -13.41
CA LYS A 270 -1.30 -21.01 -12.71
C LYS A 270 -1.41 -20.60 -11.24
N VAL A 271 -0.29 -20.37 -10.58
CA VAL A 271 -0.31 -19.90 -9.21
C VAL A 271 -1.03 -18.56 -9.11
N LEU A 272 -0.70 -17.64 -10.01
CA LEU A 272 -1.28 -16.30 -9.95
C LEU A 272 -2.79 -16.33 -10.14
N ALA A 273 -3.28 -17.14 -11.06
CA ALA A 273 -4.73 -17.21 -11.28
C ALA A 273 -5.46 -17.75 -10.06
N GLU A 274 -4.86 -18.71 -9.36
CA GLU A 274 -5.50 -19.26 -8.17
C GLU A 274 -5.42 -18.29 -7.00
N MET A 275 -4.29 -17.59 -6.83
CA MET A 275 -4.16 -16.66 -5.72
C MET A 275 -5.16 -15.53 -5.82
N THR A 276 -5.45 -15.08 -7.06
CA THR A 276 -6.34 -13.96 -7.30
C THR A 276 -7.78 -14.39 -7.55
N SER A 277 -8.13 -15.61 -7.14
CA SER A 277 -9.50 -16.08 -7.27
C SER A 277 -10.41 -15.38 -6.27
N THR A 278 -11.73 -15.51 -6.49
CA THR A 278 -12.71 -14.99 -5.55
C THR A 278 -12.42 -15.46 -4.13
N GLU A 279 -12.21 -16.77 -3.96
CA GLU A 279 -12.00 -17.32 -2.63
C GLU A 279 -10.67 -16.87 -2.04
N GLY A 280 -9.62 -16.80 -2.86
CA GLY A 280 -8.33 -16.38 -2.36
C GLY A 280 -8.34 -14.95 -1.83
N LEU A 281 -8.85 -14.02 -2.64
CA LEU A 281 -8.80 -12.63 -2.23
C LEU A 281 -9.68 -12.41 -1.00
N ALA A 282 -10.83 -13.08 -0.92
CA ALA A 282 -11.63 -12.98 0.29
C ALA A 282 -10.89 -13.55 1.48
N GLY A 283 -10.15 -14.65 1.27
CA GLY A 283 -9.45 -15.29 2.38
C GLY A 283 -8.42 -14.41 3.05
N SER A 284 -7.77 -13.54 2.27
CA SER A 284 -6.75 -12.67 2.86
C SER A 284 -7.35 -11.72 3.87
N ALA A 285 -8.60 -11.31 3.68
CA ALA A 285 -9.25 -10.37 4.58
C ALA A 285 -9.70 -11.02 5.89
N LYS A 286 -9.54 -12.33 6.04
CA LYS A 286 -9.69 -12.94 7.35
C LYS A 286 -8.52 -12.61 8.27
N TYR A 287 -7.43 -12.07 7.72
CA TYR A 287 -6.20 -11.86 8.48
C TYR A 287 -5.80 -10.40 8.61
N ILE A 288 -6.18 -9.54 7.67
CA ILE A 288 -5.73 -8.15 7.69
C ILE A 288 -6.84 -7.29 7.08
N ALA A 289 -6.88 -6.02 7.51
CA ALA A 289 -7.93 -5.08 7.12
C ALA A 289 -7.67 -4.42 5.76
N TYR A 290 -7.53 -5.25 4.72
CA TYR A 290 -7.42 -4.78 3.35
C TYR A 290 -8.56 -5.38 2.55
N ALA A 291 -9.13 -4.58 1.66
CA ALA A 291 -10.37 -4.95 0.98
C ALA A 291 -10.06 -5.71 -0.31
N PRO A 292 -10.73 -6.82 -0.57
CA PRO A 292 -10.50 -7.54 -1.84
C PRO A 292 -10.91 -6.72 -3.04
N TRP A 293 -10.19 -6.94 -4.14
CA TRP A 293 -10.43 -6.24 -5.40
C TRP A 293 -11.71 -6.69 -6.09
N ARG A 294 -12.16 -7.92 -5.86
CA ARG A 294 -13.30 -8.49 -6.59
C ARG A 294 -14.59 -8.22 -5.85
N LYS A 295 -15.62 -7.81 -6.60
CA LYS A 295 -16.95 -7.67 -6.02
C LYS A 295 -17.44 -8.97 -5.40
N SER A 296 -17.17 -10.11 -6.06
CA SER A 296 -17.60 -11.39 -5.51
C SER A 296 -16.95 -11.64 -4.14
N SER A 297 -15.67 -11.32 -4.02
CA SER A 297 -14.95 -11.53 -2.76
C SER A 297 -15.48 -10.60 -1.66
N ILE A 298 -15.76 -9.34 -2.01
CA ILE A 298 -16.36 -8.41 -1.06
C ILE A 298 -17.69 -8.96 -0.56
N ALA A 299 -18.51 -9.48 -1.47
CA ALA A 299 -19.81 -9.99 -1.06
C ALA A 299 -19.68 -11.19 -0.11
N ILE A 300 -18.67 -12.03 -0.34
CA ILE A 300 -18.44 -13.16 0.57
C ILE A 300 -18.06 -12.66 1.94
N MET A 301 -17.13 -11.71 2.00
CA MET A 301 -16.68 -11.18 3.28
C MET A 301 -17.86 -10.57 4.03
N GLU A 302 -18.67 -9.77 3.35
CA GLU A 302 -19.78 -9.11 4.01
C GLU A 302 -20.81 -10.11 4.53
N ALA A 303 -21.15 -11.12 3.71
CA ALA A 303 -22.11 -12.13 4.13
C ALA A 303 -21.58 -12.99 5.27
N GLY A 304 -20.26 -13.13 5.37
CA GLY A 304 -19.63 -13.98 6.35
C GLY A 304 -19.16 -13.29 7.62
N GLU A 305 -19.60 -12.05 7.87
CA GLU A 305 -19.21 -11.35 9.08
C GLU A 305 -19.74 -12.09 10.33
N PRO A 306 -18.97 -12.09 11.42
CA PRO A 306 -17.61 -11.54 11.57
C PRO A 306 -16.58 -12.36 10.79
N TRP A 307 -15.85 -11.69 9.89
CA TRP A 307 -14.99 -12.38 8.93
C TRP A 307 -13.58 -12.62 9.45
N PHE A 308 -13.17 -11.93 10.51
CA PHE A 308 -11.82 -12.10 11.02
C PHE A 308 -11.63 -13.55 11.50
N LYS A 309 -10.37 -13.96 11.51
CA LYS A 309 -10.02 -15.35 11.84
C LYS A 309 -10.58 -15.81 13.19
N ASP A 310 -10.92 -14.90 14.10
CA ASP A 310 -11.41 -15.31 15.41
C ASP A 310 -12.90 -15.63 15.41
N GLY A 311 -13.58 -15.42 14.30
CA GLY A 311 -15.01 -15.62 14.26
C GLY A 311 -15.81 -14.67 15.10
N LYS A 312 -15.23 -13.55 15.54
CA LYS A 312 -15.99 -12.57 16.30
C LYS A 312 -15.72 -11.11 15.94
N THR A 313 -14.58 -10.76 15.34
CA THR A 313 -14.32 -9.38 14.94
C THR A 313 -14.86 -9.14 13.54
N ASN A 314 -15.75 -8.14 13.43
CA ASN A 314 -16.24 -7.72 12.12
C ASN A 314 -15.15 -6.95 11.40
N MET A 315 -14.92 -7.29 10.14
CA MET A 315 -13.84 -6.66 9.38
C MET A 315 -14.28 -5.43 8.60
N VAL A 316 -15.56 -5.33 8.23
CA VAL A 316 -15.99 -4.22 7.37
C VAL A 316 -15.68 -2.86 7.97
N PRO A 317 -15.88 -2.59 9.26
CA PRO A 317 -15.60 -1.25 9.78
C PRO A 317 -14.13 -0.90 9.77
N HIS A 318 -13.24 -1.87 9.60
CA HIS A 318 -11.81 -1.62 9.54
C HIS A 318 -11.29 -1.45 8.13
N MET A 319 -12.15 -1.57 7.15
CA MET A 319 -11.66 -1.59 5.77
C MET A 319 -11.37 -0.19 5.25
N PRO A 320 -10.39 -0.08 4.33
CA PRO A 320 -10.11 1.21 3.69
C PRO A 320 -11.32 1.81 3.02
N THR A 321 -12.27 0.98 2.60
CA THR A 321 -13.42 1.37 1.82
C THR A 321 -14.67 1.56 2.67
N ALA A 322 -14.58 1.42 3.98
CA ALA A 322 -15.75 1.66 4.82
C ALA A 322 -16.13 3.13 4.74
N PRO A 323 -17.41 3.46 4.54
CA PRO A 323 -17.78 4.88 4.40
C PRO A 323 -17.27 5.76 5.53
N SER A 324 -17.28 5.25 6.77
CA SER A 324 -16.76 6.04 7.88
C SER A 324 -15.29 6.39 7.71
N ASN A 325 -14.52 5.52 7.06
CA ASN A 325 -13.10 5.73 6.87
C ASN A 325 -12.80 6.57 5.63
N LEU A 326 -13.80 6.79 4.78
CA LEU A 326 -13.62 7.50 3.51
C LEU A 326 -14.01 8.97 3.56
N LYS A 327 -14.42 9.49 4.73
CA LYS A 327 -15.06 10.80 4.77
C LYS A 327 -14.21 11.90 4.14
N SER A 328 -12.88 11.83 4.28
CA SER A 328 -12.01 12.87 3.72
C SER A 328 -10.82 12.27 2.99
N HIS A 329 -11.05 11.21 2.24
CA HIS A 329 -9.94 10.50 1.62
C HIS A 329 -9.45 11.20 0.36
N ILE A 330 -8.22 10.85 0.00
CA ILE A 330 -7.56 11.16 -1.27
C ILE A 330 -7.49 9.86 -2.05
N LEU A 331 -7.75 9.89 -3.35
CA LEU A 331 -7.53 8.69 -4.18
C LEU A 331 -6.16 8.77 -4.84
N MET A 332 -5.30 7.79 -4.55
CA MET A 332 -3.97 7.75 -5.15
C MET A 332 -4.07 7.75 -6.67
N ASN A 333 -3.22 8.54 -7.33
CA ASN A 333 -3.13 8.56 -8.78
C ASN A 333 -1.83 7.92 -9.21
N PRO A 334 -1.87 6.70 -9.74
CA PRO A 334 -0.61 6.03 -10.10
C PRO A 334 0.04 6.56 -11.36
N ASP A 335 -0.73 7.10 -12.30
CA ASP A 335 -0.11 7.68 -13.49
C ASP A 335 0.73 8.89 -13.11
N TYR A 336 0.25 9.69 -12.17
CA TYR A 336 1.01 10.86 -11.76
C TYR A 336 2.39 10.45 -11.27
N TRP A 337 2.44 9.45 -10.40
CA TRP A 337 3.73 9.04 -9.84
C TRP A 337 4.57 8.27 -10.86
N ALA A 338 3.96 7.44 -11.69
CA ALA A 338 4.75 6.79 -12.74
C ALA A 338 5.40 7.83 -13.64
N ASP A 339 4.64 8.86 -14.01
CA ASP A 339 5.13 9.86 -14.95
C ASP A 339 6.17 10.77 -14.31
N ASN A 340 5.97 11.15 -13.04
CA ASN A 340 6.73 12.25 -12.46
C ASN A 340 7.66 11.87 -11.31
N GLN A 341 7.75 10.61 -10.93
CA GLN A 341 8.53 10.29 -9.73
C GLN A 341 10.01 10.64 -9.88
N ASP A 342 10.61 10.51 -11.07
CA ASP A 342 12.03 10.85 -11.19
C ASP A 342 12.27 12.34 -10.91
N GLU A 343 11.51 13.21 -11.57
CA GLU A 343 11.66 14.64 -11.38
C GLU A 343 11.41 15.02 -9.93
N ILE A 344 10.35 14.48 -9.35
CA ILE A 344 10.01 14.83 -7.98
C ILE A 344 11.05 14.29 -7.01
N ASN A 345 11.51 13.05 -7.23
CA ASN A 345 12.45 12.45 -6.30
C ASN A 345 13.75 13.23 -6.24
N GLU A 346 14.16 13.84 -7.35
CA GLU A 346 15.38 14.65 -7.29
C GLU A 346 15.22 15.79 -6.30
N LYS A 347 14.07 16.47 -6.35
CA LYS A 347 13.83 17.58 -5.42
C LYS A 347 13.64 17.06 -4.00
N TRP A 348 12.96 15.92 -3.86
CA TRP A 348 12.73 15.31 -2.55
C TRP A 348 14.04 14.92 -1.88
N GLU A 349 14.91 14.24 -2.62
CA GLU A 349 16.16 13.82 -2.01
C GLU A 349 17.07 15.00 -1.75
N ALA A 350 16.99 16.07 -2.55
CA ALA A 350 17.77 17.26 -2.23
C ALA A 350 17.28 17.89 -0.93
N MET A 351 15.97 17.90 -0.72
CA MET A 351 15.42 18.39 0.55
C MET A 351 15.93 17.55 1.72
N LYS A 352 15.87 16.22 1.58
CA LYS A 352 16.34 15.36 2.67
C LYS A 352 17.83 15.52 2.92
N ALA A 353 18.63 15.70 1.86
CA ALA A 353 20.06 15.92 2.03
C ALA A 353 20.34 17.23 2.74
N GLY A 354 19.49 18.24 2.50
CA GLY A 354 19.63 19.51 3.18
C GLY A 354 19.31 19.43 4.65
N LEU A 355 18.49 18.45 5.05
CA LEU A 355 18.17 18.28 6.47
C LEU A 355 19.42 17.91 7.24
N HIS A 356 20.23 17.00 6.68
CA HIS A 356 21.47 16.59 7.31
C HIS A 356 22.50 17.71 7.28
N HIS A 357 22.68 18.34 6.11
CA HIS A 357 23.77 19.28 5.95
C HIS A 357 23.64 20.47 6.89
N HIS A 358 22.41 20.88 7.20
CA HIS A 358 22.18 21.94 8.16
C HIS A 358 21.92 21.41 9.56
N HIS A 359 21.99 20.10 9.76
CA HIS A 359 21.82 19.52 11.09
C HIS A 359 23.12 19.66 11.87
N HIS A 360 23.02 20.17 13.09
CA HIS A 360 24.15 20.26 14.00
C HIS A 360 24.04 19.12 15.01
N HIS A 361 25.10 18.33 15.12
CA HIS A 361 25.09 17.17 16.01
C HIS A 361 24.62 17.57 17.41
#